data_2AVI
#
_entry.id   2AVI
#
_cell.length_a   72.150
_cell.length_b   80.370
_cell.length_c   43.540
_cell.angle_alpha   90.00
_cell.angle_beta   90.00
_cell.angle_gamma   90.00
#
_symmetry.space_group_name_H-M   'P 21 21 2'
#
loop_
_entity.id
_entity.type
_entity.pdbx_description
1 polymer AVIDIN
2 non-polymer 2-acetamido-2-deoxy-beta-D-glucopyranose
3 non-polymer BIOTIN
4 water water
#
_entity_poly.entity_id   1
_entity_poly.type   'polypeptide(L)'
_entity_poly.pdbx_seq_one_letter_code
;ARKCSLTGKWTNDLGSNMTIGAVNSRGEFTGTYTTAVTATSNEIKESPLHGTENTINKRTQPTFGFTVNWKFSESTTVFT
GQCFIDRNGKEVLKTMWLLRSSVNDIGDDWKATRVGINIFTRLRTQKE
;
_entity_poly.pdbx_strand_id   A,B
#
loop_
_chem_comp.id
_chem_comp.type
_chem_comp.name
_chem_comp.formula
BTN non-polymer BIOTIN 'C10 H16 N2 O3 S'
NAG D-saccharide, beta linking 2-acetamido-2-deoxy-beta-D-glucopyranose 'C8 H15 N O6'
#
# COMPACT_ATOMS: atom_id res chain seq x y z
N LYS A 3 12.84 -16.42 -15.82
CA LYS A 3 13.03 -16.27 -14.34
C LYS A 3 13.07 -14.77 -14.00
N CYS A 4 12.50 -14.37 -12.88
CA CYS A 4 12.54 -12.96 -12.55
C CYS A 4 13.76 -12.79 -11.63
N SER A 5 14.70 -11.97 -12.10
CA SER A 5 15.94 -11.70 -11.36
C SER A 5 15.94 -10.38 -10.60
N LEU A 6 16.48 -10.44 -9.39
CA LEU A 6 16.57 -9.26 -8.55
C LEU A 6 17.85 -8.48 -8.83
N THR A 7 18.89 -9.18 -9.25
CA THR A 7 20.16 -8.52 -9.54
C THR A 7 19.96 -7.45 -10.60
N GLY A 8 20.33 -6.21 -10.30
CA GLY A 8 20.18 -5.15 -11.27
C GLY A 8 19.88 -3.77 -10.73
N LYS A 9 19.74 -2.83 -11.65
CA LYS A 9 19.42 -1.46 -11.29
C LYS A 9 17.93 -1.35 -11.44
N TRP A 10 17.32 -0.73 -10.44
CA TRP A 10 15.88 -0.52 -10.39
C TRP A 10 15.58 0.93 -10.06
N THR A 11 14.32 1.30 -10.27
CA THR A 11 13.79 2.64 -10.01
C THR A 11 12.32 2.44 -9.60
N ASN A 12 11.71 3.39 -8.91
CA ASN A 12 10.31 3.21 -8.52
C ASN A 12 9.39 4.40 -8.77
N ASP A 13 8.12 4.27 -8.42
CA ASP A 13 7.15 5.35 -8.60
C ASP A 13 7.52 6.66 -7.90
N LEU A 14 8.00 6.58 -6.68
CA LEU A 14 8.37 7.81 -6.01
C LEU A 14 9.56 8.41 -6.73
N GLY A 15 10.30 7.60 -7.46
CA GLY A 15 11.46 8.08 -8.19
C GLY A 15 12.79 7.64 -7.61
N SER A 16 12.77 6.75 -6.63
CA SER A 16 13.99 6.26 -6.00
C SER A 16 14.64 5.21 -6.88
N ASN A 17 15.95 5.09 -6.73
CA ASN A 17 16.77 4.12 -7.48
C ASN A 17 17.41 3.18 -6.47
N MET A 18 17.58 1.92 -6.86
CA MET A 18 18.23 0.94 -5.99
C MET A 18 18.98 -0.09 -6.80
N THR A 19 20.13 -0.52 -6.31
CA THR A 19 20.98 -1.49 -7.00
C THR A 19 21.23 -2.75 -6.22
N ILE A 20 20.83 -3.90 -6.75
CA ILE A 20 21.08 -5.17 -6.06
C ILE A 20 22.13 -5.84 -6.91
N GLY A 21 22.94 -6.65 -6.25
CA GLY A 21 23.98 -7.36 -6.95
C GLY A 21 23.61 -8.82 -7.03
N ALA A 22 24.64 -9.65 -6.95
CA ALA A 22 24.50 -11.09 -7.02
C ALA A 22 23.84 -11.71 -5.77
N VAL A 23 22.68 -12.36 -5.94
CA VAL A 23 22.02 -12.99 -4.82
C VAL A 23 22.72 -14.33 -4.71
N ASN A 24 23.45 -14.54 -3.63
CA ASN A 24 24.17 -15.79 -3.44
C ASN A 24 23.26 -17.00 -3.28
N SER A 25 23.91 -18.16 -3.35
CA SER A 25 23.30 -19.49 -3.19
C SER A 25 22.25 -19.53 -2.04
N ARG A 26 22.61 -18.92 -0.91
CA ARG A 26 21.75 -18.83 0.28
C ARG A 26 20.59 -17.82 0.12
N GLY A 27 20.41 -17.30 -1.09
CA GLY A 27 19.36 -16.33 -1.28
C GLY A 27 19.70 -14.91 -0.86
N GLU A 28 20.87 -14.68 -0.30
CA GLU A 28 21.28 -13.34 0.15
C GLU A 28 21.86 -12.38 -0.92
N PHE A 29 21.64 -11.09 -0.69
CA PHE A 29 22.11 -10.01 -1.55
C PHE A 29 22.30 -8.72 -0.74
N THR A 30 23.14 -7.83 -1.25
CA THR A 30 23.43 -6.51 -0.66
C THR A 30 23.31 -5.51 -1.79
N GLY A 31 22.82 -4.32 -1.51
CA GLY A 31 22.71 -3.33 -2.58
C GLY A 31 22.72 -1.93 -2.01
N THR A 32 22.50 -0.92 -2.84
CA THR A 32 22.43 0.44 -2.36
C THR A 32 21.04 0.98 -2.69
N TYR A 33 20.57 1.95 -1.91
CA TYR A 33 19.26 2.58 -2.06
C TYR A 33 19.41 4.08 -2.11
N THR A 34 18.95 4.71 -3.18
CA THR A 34 19.05 6.17 -3.29
C THR A 34 17.65 6.71 -3.43
N THR A 35 17.07 6.98 -2.28
CA THR A 35 15.73 7.49 -2.19
C THR A 35 15.70 8.88 -2.76
N ALA A 36 14.56 9.15 -3.41
CA ALA A 36 14.25 10.42 -4.06
C ALA A 36 13.24 11.18 -3.17
N VAL A 37 12.97 10.63 -2.00
CA VAL A 37 12.02 11.22 -1.08
C VAL A 37 12.37 10.84 0.38
N THR A 38 12.09 11.75 1.31
CA THR A 38 12.39 11.47 2.71
C THR A 38 11.35 12.13 3.59
N ALA A 39 11.06 11.44 4.70
CA ALA A 39 10.06 11.87 5.70
C ALA A 39 10.68 12.88 6.65
N THR A 40 12.01 12.86 6.71
CA THR A 40 12.80 13.77 7.53
C THR A 40 13.34 14.93 6.68
N SER A 41 13.47 16.11 7.26
CA SER A 41 14.01 17.26 6.52
C SER A 41 15.52 17.06 6.18
N ASN A 42 16.15 16.11 6.86
CA ASN A 42 17.57 15.81 6.66
C ASN A 42 17.98 15.63 5.20
N GLU A 43 19.29 15.75 4.95
CA GLU A 43 19.79 15.59 3.60
C GLU A 43 19.94 14.11 3.32
N ILE A 44 19.33 13.68 2.20
CA ILE A 44 19.32 12.29 1.72
C ILE A 44 20.73 11.76 1.40
N LYS A 45 20.97 10.50 1.74
CA LYS A 45 22.26 9.90 1.45
C LYS A 45 22.01 8.47 1.04
N GLU A 46 22.76 8.00 0.04
CA GLU A 46 22.61 6.64 -0.43
C GLU A 46 22.84 5.71 0.78
N SER A 47 22.02 4.67 0.90
CA SER A 47 22.18 3.77 2.02
C SER A 47 22.17 2.30 1.68
N PRO A 48 22.85 1.49 2.49
CA PRO A 48 22.95 0.04 2.37
C PRO A 48 21.62 -0.71 2.39
N LEU A 49 21.63 -1.84 1.67
CA LEU A 49 20.49 -2.72 1.55
C LEU A 49 20.96 -4.16 1.82
N HIS A 50 20.26 -4.85 2.73
CA HIS A 50 20.57 -6.22 3.10
C HIS A 50 19.26 -7.00 3.10
N GLY A 51 19.01 -7.69 2.00
CA GLY A 51 17.80 -8.49 1.86
C GLY A 51 18.03 -9.98 1.69
N THR A 52 17.04 -10.68 1.18
CA THR A 52 17.12 -12.12 0.98
C THR A 52 15.90 -12.61 0.18
N GLU A 53 16.13 -13.49 -0.79
CA GLU A 53 15.04 -14.02 -1.60
C GLU A 53 14.77 -15.47 -1.21
N ASN A 54 13.49 -15.79 -0.96
CA ASN A 54 13.08 -17.15 -0.59
C ASN A 54 13.43 -18.07 -1.74
N THR A 55 13.90 -19.26 -1.40
CA THR A 55 14.30 -20.23 -2.42
C THR A 55 13.66 -21.64 -2.33
N ILE A 56 12.46 -21.73 -1.73
CA ILE A 56 11.79 -23.01 -1.54
C ILE A 56 11.59 -23.98 -2.73
N ASN A 57 10.87 -23.59 -3.81
CA ASN A 57 10.69 -24.53 -4.94
C ASN A 57 11.39 -23.99 -6.19
N LYS A 58 12.57 -23.40 -5.99
CA LYS A 58 13.38 -22.77 -7.06
C LYS A 58 12.51 -21.92 -8.01
N ARG A 59 11.60 -21.20 -7.37
CA ARG A 59 10.65 -20.31 -7.99
C ARG A 59 11.14 -19.23 -8.98
N THR A 60 10.48 -19.23 -10.14
CA THR A 60 10.76 -18.30 -11.20
C THR A 60 10.39 -16.88 -10.81
N GLN A 61 9.33 -16.77 -10.03
CA GLN A 61 8.85 -15.47 -9.59
C GLN A 61 8.92 -15.32 -8.08
N PRO A 62 10.15 -15.16 -7.55
CA PRO A 62 10.43 -15.46 -6.14
C PRO A 62 9.92 -14.41 -5.16
N THR A 63 9.92 -14.79 -3.90
CA THR A 63 9.47 -13.88 -2.88
C THR A 63 10.76 -13.33 -2.23
N PHE A 64 10.72 -12.07 -1.78
CA PHE A 64 11.91 -11.46 -1.16
C PHE A 64 11.60 -10.43 -0.09
N GLY A 65 12.63 -9.99 0.62
CA GLY A 65 12.47 -8.99 1.65
C GLY A 65 13.82 -8.38 1.98
N PHE A 66 13.92 -7.06 2.12
CA PHE A 66 15.19 -6.44 2.45
C PHE A 66 15.07 -5.31 3.48
N THR A 67 16.19 -4.94 4.10
CA THR A 67 16.18 -3.89 5.11
C THR A 67 17.10 -2.75 4.72
N VAL A 68 16.55 -1.54 4.61
CA VAL A 68 17.32 -0.34 4.28
C VAL A 68 17.76 0.37 5.57
N ASN A 69 19.08 0.50 5.71
CA ASN A 69 19.71 1.15 6.87
C ASN A 69 20.06 2.61 6.54
N TRP A 70 19.10 3.50 6.76
CA TRP A 70 19.27 4.92 6.47
C TRP A 70 20.50 5.56 7.13
N LYS A 71 21.33 6.20 6.30
CA LYS A 71 22.54 6.85 6.78
C LYS A 71 22.30 8.32 7.09
N PHE A 72 21.12 8.80 6.73
CA PHE A 72 20.80 10.19 6.99
C PHE A 72 19.63 10.34 8.00
N SER A 73 19.35 9.28 8.76
CA SER A 73 18.28 9.33 9.76
C SER A 73 18.44 8.18 10.74
N GLU A 74 17.67 8.21 11.82
CA GLU A 74 17.75 7.16 12.82
C GLU A 74 16.71 6.10 12.54
N SER A 75 16.23 6.03 11.30
CA SER A 75 15.19 5.07 10.93
C SER A 75 15.62 3.86 10.11
N THR A 76 14.70 2.92 10.00
CA THR A 76 14.91 1.71 9.24
C THR A 76 13.64 1.45 8.47
N THR A 77 13.79 0.95 7.24
CA THR A 77 12.64 0.63 6.39
C THR A 77 12.77 -0.82 5.96
N VAL A 78 11.68 -1.59 5.98
CA VAL A 78 11.77 -2.97 5.55
C VAL A 78 10.82 -3.14 4.39
N PHE A 79 11.32 -3.71 3.31
CA PHE A 79 10.51 -3.94 2.10
C PHE A 79 10.24 -5.47 1.88
N THR A 80 9.01 -5.82 1.50
CA THR A 80 8.68 -7.21 1.21
C THR A 80 7.89 -7.11 -0.05
N GLY A 81 7.99 -8.13 -0.90
CA GLY A 81 7.28 -8.14 -2.15
C GLY A 81 7.49 -9.40 -2.95
N GLN A 82 7.46 -9.29 -4.27
CA GLN A 82 7.64 -10.46 -5.14
C GLN A 82 8.00 -10.07 -6.55
N CYS A 83 8.83 -10.91 -7.15
CA CYS A 83 9.33 -10.74 -8.52
C CYS A 83 8.31 -11.23 -9.55
N PHE A 84 7.64 -10.33 -10.24
CA PHE A 84 6.66 -10.76 -11.20
C PHE A 84 7.21 -10.47 -12.57
N ILE A 85 6.72 -11.21 -13.55
CA ILE A 85 7.12 -10.95 -14.91
C ILE A 85 5.86 -10.54 -15.68
N ASP A 86 5.60 -9.25 -15.60
CA ASP A 86 4.48 -8.60 -16.24
C ASP A 86 4.11 -9.17 -17.59
N ARG A 87 2.79 -9.23 -17.80
CA ARG A 87 2.14 -9.74 -19.04
C ARG A 87 2.85 -9.30 -20.30
N ASN A 88 3.17 -8.01 -20.39
CA ASN A 88 3.86 -7.39 -21.53
C ASN A 88 5.28 -7.98 -21.78
N GLY A 89 5.77 -8.72 -20.80
CA GLY A 89 7.09 -9.31 -20.91
C GLY A 89 8.13 -8.71 -19.98
N LYS A 90 7.78 -7.80 -19.07
CA LYS A 90 8.82 -7.26 -18.19
C LYS A 90 8.83 -7.72 -16.71
N GLU A 91 9.94 -7.46 -16.05
CA GLU A 91 10.07 -7.82 -14.65
C GLU A 91 9.59 -6.58 -13.94
N VAL A 92 8.68 -6.80 -12.99
CA VAL A 92 8.11 -5.72 -12.20
C VAL A 92 8.19 -6.19 -10.77
N LEU A 93 8.61 -5.30 -9.88
CA LEU A 93 8.73 -5.60 -8.46
C LEU A 93 7.58 -4.95 -7.68
N LYS A 94 6.73 -5.78 -7.08
CA LYS A 94 5.61 -5.29 -6.29
C LYS A 94 6.01 -5.43 -4.82
N THR A 95 6.04 -4.32 -4.08
CA THR A 95 6.41 -4.34 -2.67
C THR A 95 5.48 -3.48 -1.80
N MET A 96 5.67 -3.66 -0.51
CA MET A 96 4.97 -2.96 0.56
C MET A 96 6.12 -2.86 1.56
N TRP A 97 6.26 -1.68 2.16
CA TRP A 97 7.33 -1.40 3.11
C TRP A 97 6.79 -0.95 4.43
N LEU A 98 7.61 -1.00 5.46
CA LEU A 98 7.21 -0.55 6.79
C LEU A 98 8.32 0.38 7.32
N LEU A 99 8.02 1.67 7.51
CA LEU A 99 8.98 2.67 7.99
C LEU A 99 8.98 2.88 9.51
N ARG A 100 10.10 2.55 10.15
CA ARG A 100 10.26 2.68 11.59
C ARG A 100 11.10 3.89 11.98
N SER A 101 10.48 4.81 12.72
CA SER A 101 11.14 6.03 13.20
C SER A 101 11.51 5.75 14.64
N SER A 102 12.51 6.44 15.16
CA SER A 102 12.93 6.25 16.55
C SER A 102 12.23 7.19 17.49
N VAL A 103 11.50 6.63 18.44
CA VAL A 103 10.83 7.48 19.40
C VAL A 103 11.75 7.57 20.60
N ASN A 104 11.62 8.66 21.36
CA ASN A 104 12.44 8.89 22.56
C ASN A 104 11.95 8.12 23.80
N ASP A 105 10.65 7.85 23.85
CA ASP A 105 10.01 7.14 24.96
C ASP A 105 9.11 6.00 24.40
N ILE A 106 9.10 4.85 25.06
CA ILE A 106 8.28 3.72 24.61
C ILE A 106 6.78 4.05 24.64
N GLY A 107 6.46 5.18 25.25
CA GLY A 107 5.08 5.62 25.36
C GLY A 107 4.61 6.32 24.10
N ASP A 108 5.53 6.44 23.15
CA ASP A 108 5.23 7.09 21.90
C ASP A 108 5.33 6.12 20.75
N ASP A 109 5.69 4.88 21.05
CA ASP A 109 5.86 3.83 20.06
C ASP A 109 4.70 3.68 19.08
N TRP A 110 3.48 3.96 19.56
CA TRP A 110 2.29 3.83 18.72
C TRP A 110 2.29 4.56 17.36
N LYS A 111 3.00 5.68 17.22
CA LYS A 111 2.99 6.35 15.90
C LYS A 111 4.32 6.33 15.14
N ALA A 112 5.22 5.44 15.54
CA ALA A 112 6.54 5.31 14.93
C ALA A 112 6.58 4.45 13.65
N THR A 113 5.51 3.73 13.34
CA THR A 113 5.52 2.91 12.14
C THR A 113 4.54 3.37 11.04
N ARG A 114 5.08 3.59 9.84
CA ARG A 114 4.31 4.02 8.67
C ARG A 114 4.22 2.88 7.71
N VAL A 115 3.30 2.97 6.76
CA VAL A 115 3.12 1.90 5.82
C VAL A 115 2.73 2.34 4.40
N GLY A 116 3.26 1.64 3.41
CA GLY A 116 2.98 1.95 2.02
C GLY A 116 3.35 0.90 0.99
N ILE A 117 3.23 1.32 -0.27
CA ILE A 117 3.52 0.52 -1.46
C ILE A 117 4.66 1.11 -2.32
N ASN A 118 5.20 0.30 -3.21
CA ASN A 118 6.25 0.75 -4.13
C ASN A 118 6.46 -0.20 -5.32
N ILE A 119 6.17 0.28 -6.52
CA ILE A 119 6.38 -0.55 -7.70
C ILE A 119 7.69 -0.20 -8.40
N PHE A 120 8.58 -1.19 -8.37
CA PHE A 120 9.89 -1.10 -8.97
C PHE A 120 9.91 -1.67 -10.39
N THR A 121 10.78 -1.10 -11.18
CA THR A 121 10.92 -1.45 -12.57
C THR A 121 12.40 -1.41 -12.94
N ARG A 122 12.83 -2.19 -13.93
CA ARG A 122 14.24 -2.16 -14.30
C ARG A 122 14.71 -0.79 -14.81
N LEU A 123 15.62 -0.18 -14.05
CA LEU A 123 16.19 1.14 -14.35
C LEU A 123 17.04 1.11 -15.62
N LYS B 3 -12.60 22.06 -5.32
CA LYS B 3 -12.63 21.23 -4.08
C LYS B 3 -12.74 19.77 -4.52
N CYS B 4 -12.17 18.86 -3.75
CA CYS B 4 -12.28 17.48 -4.13
C CYS B 4 -13.54 16.98 -3.46
N SER B 5 -14.35 16.26 -4.23
CA SER B 5 -15.60 15.75 -3.74
C SER B 5 -15.78 14.23 -3.83
N LEU B 6 -16.22 13.65 -2.72
CA LEU B 6 -16.44 12.23 -2.66
C LEU B 6 -17.70 11.83 -3.38
N THR B 7 -18.67 12.73 -3.42
CA THR B 7 -19.94 12.45 -4.08
C THR B 7 -19.81 12.16 -5.57
N GLY B 8 -20.07 10.91 -5.97
CA GLY B 8 -19.98 10.49 -7.37
C GLY B 8 -19.67 9.01 -7.64
N LYS B 9 -19.60 8.60 -8.90
CA LYS B 9 -19.28 7.21 -9.22
C LYS B 9 -17.76 7.20 -9.39
N TRP B 10 -17.10 6.19 -8.82
CA TRP B 10 -15.65 6.05 -8.92
C TRP B 10 -15.30 4.65 -9.40
N THR B 11 -14.06 4.46 -9.78
CA THR B 11 -13.59 3.17 -10.27
C THR B 11 -12.12 3.06 -9.85
N ASN B 12 -11.65 1.85 -9.52
CA ASN B 12 -10.25 1.73 -9.09
C ASN B 12 -9.32 0.87 -9.94
N ASP B 13 -8.05 0.88 -9.57
CA ASP B 13 -7.02 0.14 -10.28
C ASP B 13 -7.32 -1.34 -10.41
N LEU B 14 -8.13 -1.88 -9.50
CA LEU B 14 -8.48 -3.31 -9.53
C LEU B 14 -9.67 -3.54 -10.45
N GLY B 15 -10.54 -2.55 -10.53
CA GLY B 15 -11.71 -2.62 -11.38
C GLY B 15 -12.99 -2.53 -10.58
N SER B 16 -12.91 -2.44 -9.26
CA SER B 16 -14.09 -2.33 -8.45
C SER B 16 -14.63 -0.95 -8.63
N ASN B 17 -15.95 -0.81 -8.59
CA ASN B 17 -16.64 0.47 -8.73
C ASN B 17 -17.25 0.80 -7.39
N MET B 18 -17.45 2.07 -7.12
CA MET B 18 -18.06 2.47 -5.86
C MET B 18 -18.85 3.76 -6.06
N THR B 19 -19.96 3.87 -5.37
CA THR B 19 -20.76 5.06 -5.54
C THR B 19 -21.10 5.70 -4.20
N ILE B 20 -20.59 6.90 -4.02
CA ILE B 20 -20.81 7.64 -2.80
C ILE B 20 -21.84 8.68 -3.13
N GLY B 21 -22.66 8.97 -2.12
CA GLY B 21 -23.73 9.94 -2.26
C GLY B 21 -23.40 11.26 -1.57
N ALA B 22 -24.40 12.13 -1.52
CA ALA B 22 -24.23 13.43 -0.92
C ALA B 22 -23.79 13.30 0.53
N VAL B 23 -22.63 13.88 0.89
CA VAL B 23 -22.15 13.83 2.26
C VAL B 23 -22.73 15.01 2.99
N ASN B 24 -23.53 14.70 4.00
CA ASN B 24 -24.19 15.69 4.80
C ASN B 24 -23.27 16.59 5.61
N SER B 25 -23.90 17.48 6.37
CA SER B 25 -23.27 18.48 7.23
C SER B 25 -22.27 17.86 8.15
N ARG B 26 -22.66 16.74 8.76
CA ARG B 26 -21.79 16.06 9.70
C ARG B 26 -20.61 15.41 9.00
N GLY B 27 -20.55 15.59 7.68
CA GLY B 27 -19.47 15.02 6.89
C GLY B 27 -19.67 13.55 6.61
N GLU B 28 -20.88 13.05 6.88
CA GLU B 28 -21.19 11.65 6.68
C GLU B 28 -21.80 11.37 5.33
N PHE B 29 -21.55 10.14 4.87
CA PHE B 29 -22.05 9.67 3.60
C PHE B 29 -22.25 8.15 3.58
N THR B 30 -22.86 7.66 2.51
CA THR B 30 -23.17 6.24 2.28
C THR B 30 -23.02 5.96 0.77
N GLY B 31 -23.00 4.68 0.41
CA GLY B 31 -22.90 4.34 -0.99
C GLY B 31 -22.89 2.84 -1.11
N THR B 32 -22.52 2.35 -2.29
CA THR B 32 -22.44 0.93 -2.52
C THR B 32 -21.09 0.62 -3.17
N TYR B 33 -20.56 -0.58 -2.93
CA TYR B 33 -19.26 -1.01 -3.44
C TYR B 33 -19.34 -2.32 -4.19
N THR B 34 -19.10 -2.31 -5.49
CA THR B 34 -19.13 -3.57 -6.24
C THR B 34 -17.68 -3.91 -6.54
N THR B 35 -17.14 -4.78 -5.71
CA THR B 35 -15.78 -5.18 -5.86
C THR B 35 -15.69 -6.02 -7.10
N ALA B 36 -14.48 -6.04 -7.69
CA ALA B 36 -14.19 -6.80 -8.91
C ALA B 36 -13.47 -8.09 -8.53
N VAL B 37 -12.82 -8.08 -7.37
CA VAL B 37 -12.07 -9.24 -6.90
C VAL B 37 -12.40 -9.54 -5.43
N THR B 38 -12.06 -10.74 -4.96
CA THR B 38 -12.34 -11.14 -3.59
C THR B 38 -11.29 -12.14 -3.16
N ALA B 39 -11.05 -12.21 -1.85
CA ALA B 39 -10.08 -13.13 -1.27
C ALA B 39 -10.82 -14.42 -1.04
N THR B 40 -12.16 -14.32 -0.98
CA THR B 40 -13.03 -15.50 -0.79
C THR B 40 -13.57 -16.00 -2.13
N SER B 41 -13.48 -17.30 -2.35
CA SER B 41 -14.01 -17.84 -3.59
C SER B 41 -15.57 -17.82 -3.58
N ASN B 42 -16.16 -17.04 -2.65
CA ASN B 42 -17.62 -16.88 -2.55
C ASN B 42 -18.12 -16.00 -3.72
N GLU B 43 -19.43 -16.00 -4.02
CA GLU B 43 -19.87 -15.18 -5.14
C GLU B 43 -20.10 -13.74 -4.76
N ILE B 44 -19.34 -12.86 -5.41
CA ILE B 44 -19.41 -11.41 -5.18
C ILE B 44 -20.82 -10.77 -5.35
N LYS B 45 -21.13 -9.92 -4.40
CA LYS B 45 -22.38 -9.22 -4.40
C LYS B 45 -22.09 -7.79 -3.96
N GLU B 46 -22.82 -6.84 -4.55
CA GLU B 46 -22.67 -5.44 -4.23
C GLU B 46 -22.99 -5.32 -2.75
N SER B 47 -22.10 -4.68 -2.01
CA SER B 47 -22.26 -4.50 -0.57
C SER B 47 -22.44 -3.03 -0.25
N PRO B 48 -23.05 -2.74 0.91
CA PRO B 48 -23.16 -1.36 1.38
C PRO B 48 -21.85 -0.76 1.91
N LEU B 49 -21.82 0.57 1.92
CA LEU B 49 -20.69 1.36 2.38
C LEU B 49 -21.25 2.51 3.17
N HIS B 50 -20.71 2.73 4.35
CA HIS B 50 -21.14 3.83 5.21
C HIS B 50 -19.85 4.45 5.75
N GLY B 51 -19.50 5.67 5.35
CA GLY B 51 -18.27 6.28 5.88
C GLY B 51 -18.35 7.69 6.45
N THR B 52 -17.23 8.42 6.44
CA THR B 52 -17.20 9.81 6.96
C THR B 52 -15.94 10.59 6.54
N GLU B 53 -16.11 11.87 6.23
CA GLU B 53 -15.01 12.75 5.82
C GLU B 53 -14.77 13.86 6.84
N ASN B 54 -13.51 14.26 7.01
CA ASN B 54 -13.12 15.32 7.94
C ASN B 54 -13.45 16.75 7.46
N THR B 55 -14.04 17.57 8.33
CA THR B 55 -14.36 18.94 7.91
C THR B 55 -13.87 20.07 8.83
N ILE B 56 -12.94 19.72 9.72
CA ILE B 56 -12.36 20.66 10.70
C ILE B 56 -12.01 22.06 10.15
N ASN B 57 -11.20 22.14 9.10
CA ASN B 57 -10.87 23.46 8.51
C ASN B 57 -11.46 23.51 7.09
N LYS B 58 -12.70 23.00 6.94
CA LYS B 58 -13.42 22.91 5.65
C LYS B 58 -12.42 22.80 4.48
N ARG B 59 -11.55 21.81 4.60
CA ARG B 59 -10.49 21.51 3.65
C ARG B 59 -10.94 21.28 2.20
N THR B 60 -10.09 21.56 1.21
CA THR B 60 -10.48 21.29 -0.19
C THR B 60 -10.16 19.88 -0.58
N GLN B 61 -9.13 19.34 0.02
CA GLN B 61 -8.77 17.99 -0.31
C GLN B 61 -8.83 17.21 0.96
N PRO B 62 -10.05 16.77 1.32
CA PRO B 62 -10.34 16.28 2.67
C PRO B 62 -9.85 14.85 2.95
N THR B 63 -9.63 14.56 4.23
CA THR B 63 -9.20 13.25 4.69
C THR B 63 -10.52 12.48 4.96
N PHE B 64 -10.57 11.19 4.63
CA PHE B 64 -11.80 10.42 4.84
C PHE B 64 -11.54 8.98 5.21
N GLY B 65 -12.61 8.25 5.46
CA GLY B 65 -12.52 6.85 5.81
C GLY B 65 -13.91 6.23 5.79
N PHE B 66 -14.03 5.04 5.23
CA PHE B 66 -15.32 4.35 5.18
C PHE B 66 -15.18 2.84 5.40
N THR B 67 -16.29 2.23 5.82
CA THR B 67 -16.34 0.79 6.08
C THR B 67 -17.27 0.03 5.10
N VAL B 68 -16.79 -1.12 4.60
CA VAL B 68 -17.57 -1.94 3.68
C VAL B 68 -17.99 -3.21 4.41
N ASN B 69 -19.31 -3.37 4.49
CA ASN B 69 -19.97 -4.50 5.14
C ASN B 69 -20.09 -5.54 4.05
N TRP B 70 -19.26 -6.55 4.08
CA TRP B 70 -19.36 -7.53 3.01
C TRP B 70 -20.56 -8.43 3.13
N LYS B 71 -21.47 -8.32 2.17
CA LYS B 71 -22.67 -9.15 2.14
C LYS B 71 -22.46 -10.61 1.73
N PHE B 72 -21.42 -10.87 0.93
CA PHE B 72 -21.09 -12.24 0.47
C PHE B 72 -19.98 -12.97 1.27
N SER B 73 -19.48 -12.35 2.34
CA SER B 73 -18.46 -12.94 3.21
C SER B 73 -18.67 -12.45 4.64
N GLU B 74 -17.95 -13.04 5.58
CA GLU B 74 -18.06 -12.63 6.99
C GLU B 74 -17.00 -11.56 7.38
N SER B 75 -16.27 -11.05 6.40
CA SER B 75 -15.23 -10.07 6.63
C SER B 75 -15.68 -8.63 6.46
N THR B 76 -14.84 -7.73 6.96
CA THR B 76 -15.10 -6.30 6.90
C THR B 76 -13.87 -5.64 6.30
N THR B 77 -14.04 -4.48 5.69
CA THR B 77 -12.89 -3.80 5.11
C THR B 77 -13.00 -2.32 5.39
N VAL B 78 -11.92 -1.68 5.80
CA VAL B 78 -11.93 -0.24 6.02
C VAL B 78 -10.86 0.39 5.12
N PHE B 79 -11.18 1.56 4.55
CA PHE B 79 -10.26 2.31 3.68
C PHE B 79 -10.08 3.72 4.26
N THR B 80 -8.87 4.27 4.19
CA THR B 80 -8.70 5.64 4.64
C THR B 80 -7.97 6.27 3.50
N GLY B 81 -8.19 7.53 3.24
CA GLY B 81 -7.49 8.12 2.13
C GLY B 81 -7.68 9.60 2.14
N GLN B 82 -7.46 10.18 0.98
CA GLN B 82 -7.62 11.61 0.82
C GLN B 82 -8.10 11.93 -0.57
N CYS B 83 -8.95 12.94 -0.67
CA CYS B 83 -9.45 13.36 -1.95
C CYS B 83 -8.52 14.41 -2.49
N PHE B 84 -7.73 14.05 -3.49
CA PHE B 84 -6.73 14.96 -4.11
C PHE B 84 -7.13 15.50 -5.49
N ILE B 85 -6.49 16.61 -5.87
CA ILE B 85 -6.69 17.21 -7.19
C ILE B 85 -5.29 17.10 -7.81
N ASP B 86 -5.08 15.97 -8.52
CA ASP B 86 -3.81 15.63 -9.16
C ASP B 86 -3.26 16.75 -10.08
N ARG B 87 -1.93 16.82 -10.23
CA ARG B 87 -1.32 17.85 -11.06
C ARG B 87 -1.89 18.04 -12.45
N ASN B 88 -2.65 17.05 -12.91
CA ASN B 88 -3.27 17.12 -14.24
C ASN B 88 -4.71 17.65 -14.18
N GLY B 89 -5.04 18.24 -13.03
CA GLY B 89 -6.34 18.84 -12.81
C GLY B 89 -7.48 17.93 -12.45
N LYS B 90 -7.21 16.63 -12.34
CA LYS B 90 -8.31 15.74 -12.02
C LYS B 90 -8.21 15.05 -10.66
N GLU B 91 -9.41 14.75 -10.16
CA GLU B 91 -9.68 14.08 -8.86
C GLU B 91 -9.27 12.62 -8.80
N VAL B 92 -8.53 12.35 -7.74
CA VAL B 92 -8.03 11.02 -7.47
C VAL B 92 -8.11 10.83 -5.96
N LEU B 93 -8.43 9.60 -5.58
CA LEU B 93 -8.54 9.23 -4.18
C LEU B 93 -7.46 8.21 -3.96
N LYS B 94 -6.52 8.56 -3.10
CA LYS B 94 -5.44 7.66 -2.76
C LYS B 94 -5.95 7.08 -1.46
N THR B 95 -6.18 5.78 -1.46
CA THR B 95 -6.68 5.13 -0.27
C THR B 95 -5.78 3.95 0.07
N MET B 96 -5.80 3.59 1.34
CA MET B 96 -5.05 2.46 1.86
C MET B 96 -6.09 1.74 2.70
N TRP B 97 -6.09 0.42 2.60
CA TRP B 97 -7.05 -0.39 3.32
C TRP B 97 -6.50 -1.51 4.18
N LEU B 98 -7.37 -2.05 5.03
CA LEU B 98 -7.10 -3.14 5.95
C LEU B 98 -8.30 -4.06 5.75
N LEU B 99 -8.06 -5.31 5.38
CA LEU B 99 -9.15 -6.25 5.19
C LEU B 99 -9.07 -7.29 6.31
N ARG B 100 -10.06 -7.27 7.20
CA ARG B 100 -10.14 -8.19 8.33
C ARG B 100 -10.97 -9.43 8.01
N SER B 101 -10.39 -10.59 8.29
CA SER B 101 -11.07 -11.84 8.07
C SER B 101 -11.60 -12.34 9.43
N SER B 102 -12.55 -13.26 9.39
CA SER B 102 -13.15 -13.79 10.60
C SER B 102 -12.56 -15.16 10.94
N VAL B 103 -11.76 -15.17 12.01
CA VAL B 103 -11.12 -16.39 12.50
C VAL B 103 -12.01 -16.98 13.59
N ASN B 104 -11.82 -18.24 13.93
CA ASN B 104 -12.65 -18.89 14.96
C ASN B 104 -12.15 -18.70 16.37
N ASP B 105 -10.99 -19.29 16.67
CA ASP B 105 -10.42 -19.15 18.02
C ASP B 105 -9.48 -17.93 18.00
N ILE B 106 -9.52 -17.17 19.09
CA ILE B 106 -8.72 -15.98 19.21
C ILE B 106 -7.23 -16.19 18.92
N GLY B 107 -6.80 -17.43 18.98
CA GLY B 107 -5.41 -17.71 18.70
C GLY B 107 -5.02 -17.54 17.25
N ASP B 108 -6.00 -17.58 16.35
CA ASP B 108 -5.72 -17.45 14.93
C ASP B 108 -5.68 -16.02 14.46
N ASP B 109 -6.07 -15.11 15.33
CA ASP B 109 -6.12 -13.68 15.03
C ASP B 109 -4.87 -13.05 14.41
N TRP B 110 -3.68 -13.54 14.76
CA TRP B 110 -2.43 -12.98 14.22
C TRP B 110 -2.37 -12.91 12.69
N LYS B 111 -3.22 -13.65 12.02
CA LYS B 111 -3.22 -13.64 10.56
C LYS B 111 -4.57 -13.31 9.95
N ALA B 112 -5.36 -12.50 10.64
CA ALA B 112 -6.67 -12.18 10.11
C ALA B 112 -6.76 -10.82 9.46
N THR B 113 -5.60 -10.21 9.18
CA THR B 113 -5.61 -8.89 8.57
C THR B 113 -4.66 -8.63 7.41
N ARG B 114 -5.25 -8.23 6.29
CA ARG B 114 -4.53 -7.93 5.06
C ARG B 114 -4.44 -6.39 4.95
N VAL B 115 -3.39 -5.90 4.30
CA VAL B 115 -3.13 -4.46 4.11
C VAL B 115 -2.86 -4.12 2.63
N GLY B 116 -3.51 -3.08 2.11
CA GLY B 116 -3.31 -2.73 0.72
C GLY B 116 -3.58 -1.31 0.26
N ILE B 117 -3.44 -1.11 -1.05
CA ILE B 117 -3.63 0.18 -1.73
C ILE B 117 -4.77 0.16 -2.74
N ASN B 118 -5.21 1.34 -3.14
CA ASN B 118 -6.25 1.51 -4.14
C ASN B 118 -6.42 2.97 -4.53
N ILE B 119 -6.24 3.26 -5.82
CA ILE B 119 -6.39 4.61 -6.36
C ILE B 119 -7.69 4.64 -7.11
N PHE B 120 -8.65 5.40 -6.58
CA PHE B 120 -9.99 5.56 -7.17
C PHE B 120 -10.03 6.81 -8.03
N THR B 121 -10.52 6.64 -9.26
CA THR B 121 -10.62 7.75 -10.20
C THR B 121 -12.10 7.98 -10.55
N ARG B 122 -12.46 9.15 -11.02
CA ARG B 122 -13.86 9.33 -11.35
C ARG B 122 -14.29 8.34 -12.46
N LEU B 123 -15.28 7.51 -12.13
CA LEU B 123 -15.77 6.53 -13.09
C LEU B 123 -16.64 7.26 -14.10
C1 NAG C . 18.36 7.72 -10.40
C2 NAG C . 18.27 9.18 -10.01
C3 NAG C . 18.29 9.98 -11.28
C4 NAG C . 19.16 9.24 -12.32
C5 NAG C . 18.54 7.91 -12.74
C6 NAG C . 19.61 6.97 -13.24
C7 NAG C . 17.21 9.84 -7.91
C8 NAG C . 15.93 10.17 -7.19
N2 NAG C . 17.09 9.53 -9.20
O3 NAG C . 18.78 11.27 -11.02
O4 NAG C . 19.32 10.03 -13.46
O5 NAG C . 17.86 7.29 -11.66
O6 NAG C . 20.29 6.35 -12.13
O7 NAG C . 18.28 9.78 -7.29
C11 BTN D . 13.49 8.94 6.71
O11 BTN D . 12.71 9.82 6.26
O12 BTN D . 13.69 8.77 7.93
C10 BTN D . 14.11 7.98 5.73
C9 BTN D . 13.52 8.12 4.33
C8 BTN D . 13.01 6.82 3.77
C7 BTN D . 12.16 7.07 2.58
C2 BTN D . 10.90 6.20 2.55
S1 BTN D . 11.08 4.43 2.99
C6 BTN D . 9.70 3.92 1.94
C5 BTN D . 9.26 5.09 1.00
N1 BTN D . 9.50 4.80 -0.42
C3 BTN D . 10.62 5.32 -0.86
O3 BTN D . 11.23 5.03 -1.91
N2 BTN D . 11.05 6.22 0.05
C4 BTN D . 10.18 6.30 1.19
C1 NAG E . -18.34 -1.11 -12.95
C2 NAG E . -18.60 -2.60 -13.09
C3 NAG E . -18.53 -2.95 -14.55
C4 NAG E . -19.17 -1.84 -15.39
C5 NAG E . -18.30 -0.53 -15.32
C6 NAG E . -19.11 0.71 -15.69
C7 NAG E . -18.12 -4.24 -11.39
C8 NAG E . -17.10 -5.15 -10.70
N2 NAG E . -17.66 -3.45 -12.37
O3 NAG E . -19.16 -4.16 -14.78
O4 NAG E . -19.28 -2.28 -16.75
O5 NAG E . -17.72 -0.35 -14.00
O6 NAG E . -19.33 1.56 -14.53
O7 NAG E . -19.25 -4.15 -10.95
C11 BTN F . -13.74 -10.84 0.86
O11 BTN F . -12.97 -11.36 0.02
O12 BTN F . -14.03 -11.38 1.94
C10 BTN F . -14.41 -9.53 0.57
C9 BTN F . -13.95 -8.91 -0.71
C8 BTN F . -12.58 -8.33 -0.55
C7 BTN F . -12.41 -7.20 -1.51
C2 BTN F . -11.15 -6.42 -1.23
S1 BTN F . -11.27 -5.04 -0.09
C6 BTN F . -9.70 -4.37 -0.64
C5 BTN F . -9.47 -4.83 -2.12
N1 BTN F . -9.74 -3.76 -3.08
C3 BTN F . -10.89 -3.92 -3.72
O3 BTN F . -11.39 -3.15 -4.57
N2 BTN F . -11.44 -5.08 -3.29
C4 BTN F . -10.53 -5.86 -2.51
#